data_7VWA
#
_entry.id   7VWA
#
_cell.length_a   32.907
_cell.length_b   33.356
_cell.length_c   56.044
_cell.angle_alpha   90.00
_cell.angle_beta   98.79
_cell.angle_gamma   90.00
#
_symmetry.space_group_name_H-M   'P 1 21 1'
#
loop_
_entity.id
_entity.type
_entity.pdbx_description
1 polymer PBP1
2 non-polymer (Z)-hexadec-9-enal
3 water water
#
_entity_poly.entity_id   1
_entity_poly.type   'polypeptide(L)'
_entity_poly.pdbx_seq_one_letter_code
;GSMASQDVIKNLSMNFAKPLEDCKKEMDLPDSVTTDFYNFWKEGYEFTNRQTGCAILCLSSKLELLDQELKLHHGKAQEF
AKKHGADDAMAKQLVDLIHGCAQSTPDVADDPCMKTLNVAKCFKAKIHELNWAPSMELVVGEVLAEV
;
_entity_poly.pdbx_strand_id   A
#
loop_
_chem_comp.id
_chem_comp.type
_chem_comp.name
_chem_comp.formula
81K non-polymer (Z)-hexadec-9-enal 'C16 H30 O'
#
# COMPACT_ATOMS: atom_id res chain seq x y z
N GLY A 1 -9.42 15.16 -13.76
CA GLY A 1 -9.22 14.05 -14.75
C GLY A 1 -8.25 12.99 -14.24
N SER A 2 -8.14 11.88 -14.98
CA SER A 2 -7.43 10.64 -14.56
C SER A 2 -6.01 10.94 -14.06
N MET A 3 -5.31 11.89 -14.69
CA MET A 3 -3.91 12.30 -14.34
C MET A 3 -3.89 12.92 -12.93
N ALA A 4 -4.83 13.81 -12.59
CA ALA A 4 -4.94 14.45 -11.26
C ALA A 4 -5.22 13.41 -10.16
N SER A 5 -6.03 12.37 -10.43
CA SER A 5 -6.30 11.26 -9.49
C SER A 5 -5.04 10.39 -9.35
N GLN A 6 -4.33 10.13 -10.45
CA GLN A 6 -3.00 9.44 -10.42
C GLN A 6 -1.98 10.22 -9.57
N ASP A 7 -2.05 11.55 -9.55
CA ASP A 7 -1.10 12.42 -8.78
C ASP A 7 -1.37 12.28 -7.28
N VAL A 8 -2.63 12.18 -6.88
CA VAL A 8 -3.00 11.86 -5.46
C VAL A 8 -2.37 10.51 -5.08
N ILE A 9 -2.61 9.46 -5.88
CA ILE A 9 -2.01 8.11 -5.62
C ILE A 9 -0.49 8.24 -5.59
N LYS A 10 0.08 8.98 -6.53
CA LYS A 10 1.53 9.24 -6.60
C LYS A 10 1.98 9.88 -5.27
N ASN A 11 1.28 10.92 -4.81
CA ASN A 11 1.61 11.65 -3.55
C ASN A 11 1.53 10.73 -2.34
N LEU A 12 0.40 10.03 -2.21
CA LEU A 12 0.15 9.03 -1.14
C LEU A 12 1.31 8.00 -1.12
N SER A 13 1.67 7.50 -2.28
CA SER A 13 2.65 6.39 -2.47
C SER A 13 4.04 6.84 -2.03
N MET A 14 4.53 7.98 -2.54
CA MET A 14 5.88 8.50 -2.18
C MET A 14 5.93 8.73 -0.67
N ASN A 15 4.91 9.35 -0.09
CA ASN A 15 4.87 9.61 1.37
C ASN A 15 4.83 8.28 2.12
N PHE A 16 3.99 7.35 1.69
CA PHE A 16 3.87 5.99 2.31
C PHE A 16 5.23 5.30 2.28
N ALA A 17 5.96 5.39 1.17
CA ALA A 17 7.23 4.67 0.92
C ALA A 17 8.46 5.36 1.55
N LYS A 18 8.36 6.58 2.10
CA LYS A 18 9.55 7.39 2.54
C LYS A 18 10.49 6.62 3.49
N PRO A 19 10.00 6.05 4.61
CA PRO A 19 10.86 5.34 5.56
C PRO A 19 11.22 3.89 5.19
N LEU A 20 11.19 3.52 3.91
CA LEU A 20 11.46 2.13 3.46
C LEU A 20 12.89 1.74 3.85
N GLU A 21 13.88 2.61 3.67
CA GLU A 21 15.27 2.29 4.06
C GLU A 21 15.33 1.96 5.56
N ASP A 22 14.60 2.69 6.41
CA ASP A 22 14.55 2.41 7.87
C ASP A 22 13.90 1.05 8.14
N CYS A 23 12.80 0.72 7.47
CA CYS A 23 12.11 -0.59 7.62
C CYS A 23 13.04 -1.71 7.15
N LYS A 24 13.80 -1.49 6.08
CA LYS A 24 14.81 -2.46 5.61
C LYS A 24 15.84 -2.70 6.72
N LYS A 25 16.35 -1.64 7.34
CA LYS A 25 17.41 -1.75 8.37
C LYS A 25 16.82 -2.47 9.59
N GLU A 26 15.67 -2.03 10.08
CA GLU A 26 15.05 -2.46 11.36
C GLU A 26 14.65 -3.94 11.31
N MET A 27 14.23 -4.45 10.15
CA MET A 27 13.68 -5.82 9.99
C MET A 27 14.60 -6.70 9.14
N ASP A 28 15.79 -6.20 8.80
CA ASP A 28 16.77 -6.88 7.92
C ASP A 28 16.08 -7.38 6.64
N LEU A 29 15.23 -6.55 6.01
CA LEU A 29 14.53 -6.91 4.76
C LEU A 29 15.53 -6.97 3.62
N PRO A 30 15.34 -7.88 2.64
CA PRO A 30 16.22 -7.99 1.47
C PRO A 30 16.00 -6.86 0.44
N ASP A 31 16.99 -6.70 -0.45
CA ASP A 31 17.07 -5.53 -1.37
C ASP A 31 15.93 -5.61 -2.41
N SER A 32 15.40 -6.82 -2.67
CA SER A 32 14.25 -7.06 -3.58
C SER A 32 13.02 -6.22 -3.17
N VAL A 33 12.83 -5.87 -1.91
CA VAL A 33 11.64 -5.03 -1.53
C VAL A 33 11.82 -3.66 -2.19
N THR A 34 13.05 -3.11 -2.26
CA THR A 34 13.30 -1.77 -2.85
C THR A 34 12.91 -1.81 -4.34
N THR A 35 13.28 -2.89 -5.05
CA THR A 35 12.91 -3.14 -6.47
C THR A 35 11.39 -3.18 -6.62
N ASP A 36 10.71 -3.92 -5.75
CA ASP A 36 9.26 -4.17 -5.83
C ASP A 36 8.55 -2.83 -5.67
N PHE A 37 9.11 -1.94 -4.84
CA PHE A 37 8.53 -0.60 -4.57
C PHE A 37 8.78 0.32 -5.77
N TYR A 38 9.98 0.23 -6.33
CA TYR A 38 10.35 0.95 -7.58
C TYR A 38 9.29 0.61 -8.64
N ASN A 39 8.97 -0.68 -8.78
CA ASN A 39 8.05 -1.21 -9.81
C ASN A 39 6.61 -1.33 -9.29
N PHE A 40 6.27 -0.75 -8.14
CA PHE A 40 4.98 -1.04 -7.46
C PHE A 40 3.82 -0.83 -8.44
N TRP A 41 3.82 0.29 -9.18
CA TRP A 41 2.70 0.73 -10.06
C TRP A 41 2.94 0.35 -11.52
N LYS A 42 3.96 -0.46 -11.84
CA LYS A 42 4.21 -0.98 -13.21
C LYS A 42 3.15 -2.04 -13.51
N GLU A 43 2.38 -1.84 -14.59
CA GLU A 43 1.34 -2.77 -15.11
C GLU A 43 2.01 -4.12 -15.40
N GLY A 44 1.43 -5.22 -14.91
CA GLY A 44 1.93 -6.59 -15.12
C GLY A 44 3.01 -7.00 -14.15
N TYR A 45 3.54 -6.09 -13.32
CA TYR A 45 4.70 -6.43 -12.47
C TYR A 45 4.21 -7.35 -11.36
N GLU A 46 4.96 -8.42 -11.14
CA GLU A 46 4.71 -9.44 -10.08
C GLU A 46 5.75 -9.25 -8.97
N PHE A 47 5.26 -9.19 -7.73
CA PHE A 47 6.08 -8.95 -6.52
C PHE A 47 6.93 -10.19 -6.25
N THR A 48 8.15 -9.99 -5.74
CA THR A 48 9.16 -11.05 -5.42
C THR A 48 8.56 -12.03 -4.40
N ASN A 49 8.27 -11.56 -3.19
CA ASN A 49 7.95 -12.47 -2.08
C ASN A 49 7.32 -11.69 -0.91
N ARG A 50 6.99 -12.44 0.14
CA ARG A 50 6.24 -12.00 1.34
C ARG A 50 6.99 -10.87 2.03
N GLN A 51 8.30 -10.78 1.89
CA GLN A 51 9.09 -9.70 2.54
C GLN A 51 8.61 -8.30 2.11
N THR A 52 8.03 -8.17 0.92
CA THR A 52 7.44 -6.89 0.43
C THR A 52 6.20 -6.57 1.24
N GLY A 53 5.45 -7.61 1.61
CA GLY A 53 4.36 -7.55 2.57
C GLY A 53 4.85 -7.11 3.94
N CYS A 54 5.93 -7.70 4.43
CA CYS A 54 6.54 -7.23 5.72
C CYS A 54 6.88 -5.74 5.59
N ALA A 55 7.39 -5.30 4.46
CA ALA A 55 7.80 -3.89 4.26
C ALA A 55 6.54 -3.00 4.32
N ILE A 56 5.46 -3.40 3.65
CA ILE A 56 4.18 -2.64 3.65
C ILE A 56 3.63 -2.51 5.08
N LEU A 57 3.72 -3.56 5.91
CA LEU A 57 3.24 -3.54 7.31
C LEU A 57 4.09 -2.57 8.13
N CYS A 58 5.42 -2.65 8.01
CA CYS A 58 6.34 -1.70 8.67
C CYS A 58 5.98 -0.25 8.30
N LEU A 59 5.79 0.06 7.02
CA LEU A 59 5.55 1.46 6.55
C LEU A 59 4.24 1.94 7.16
N SER A 60 3.23 1.07 7.13
CA SER A 60 1.87 1.33 7.67
C SER A 60 2.00 1.65 9.15
N SER A 61 2.81 0.87 9.86
CA SER A 61 3.03 0.98 11.33
C SER A 61 3.71 2.32 11.63
N LYS A 62 4.74 2.67 10.86
CA LYS A 62 5.47 3.96 10.99
C LYS A 62 4.50 5.11 10.79
N LEU A 63 3.55 5.01 9.87
CA LEU A 63 2.53 6.08 9.65
C LEU A 63 1.37 5.88 10.62
N GLU A 64 1.50 4.94 11.56
CA GLU A 64 0.45 4.57 12.55
C GLU A 64 -0.90 4.34 11.87
N LEU A 65 -0.92 3.62 10.74
CA LEU A 65 -2.15 3.27 9.99
C LEU A 65 -2.63 1.86 10.36
N LEU A 66 -1.95 1.18 11.28
CA LEU A 66 -2.24 -0.21 11.71
C LEU A 66 -2.80 -0.15 13.12
N ASP A 67 -3.73 -1.05 13.44
CA ASP A 67 -4.20 -1.24 14.82
C ASP A 67 -3.38 -2.36 15.45
N GLN A 68 -3.73 -2.76 16.67
CA GLN A 68 -2.92 -3.70 17.49
C GLN A 68 -2.90 -5.06 16.79
N GLU A 69 -3.87 -5.37 15.94
CA GLU A 69 -3.97 -6.70 15.27
C GLU A 69 -3.39 -6.63 13.86
N LEU A 70 -2.60 -5.60 13.53
CA LEU A 70 -1.89 -5.42 12.23
C LEU A 70 -2.91 -5.27 11.10
N LYS A 71 -4.10 -4.77 11.44
CA LYS A 71 -5.16 -4.47 10.47
C LYS A 71 -5.21 -2.96 10.26
N LEU A 72 -5.63 -2.56 9.07
CA LEU A 72 -5.73 -1.14 8.69
C LEU A 72 -6.63 -0.38 9.67
N HIS A 73 -6.19 0.79 10.10
CA HIS A 73 -7.03 1.75 10.84
C HIS A 73 -7.76 2.61 9.82
N HIS A 74 -9.07 2.39 9.66
CA HIS A 74 -9.90 3.02 8.60
C HIS A 74 -9.82 4.55 8.71
N GLY A 75 -10.17 5.11 9.87
CA GLY A 75 -10.14 6.56 10.15
C GLY A 75 -8.77 7.15 9.90
N LYS A 76 -7.72 6.51 10.40
CA LYS A 76 -6.34 7.04 10.27
C LYS A 76 -5.91 6.92 8.80
N ALA A 77 -6.26 5.84 8.10
CA ALA A 77 -5.90 5.68 6.67
C ALA A 77 -6.63 6.76 5.86
N GLN A 78 -7.88 7.05 6.20
CA GLN A 78 -8.70 8.10 5.56
C GLN A 78 -8.00 9.46 5.70
N GLU A 79 -7.63 9.81 6.91
CA GLU A 79 -6.98 11.11 7.19
C GLU A 79 -5.61 11.19 6.52
N PHE A 80 -4.84 10.09 6.49
CA PHE A 80 -3.56 10.05 5.78
C PHE A 80 -3.79 10.50 4.32
N ALA A 81 -4.71 9.84 3.64
CA ALA A 81 -5.12 10.11 2.24
C ALA A 81 -5.48 11.59 2.05
N LYS A 82 -6.26 12.16 2.95
CA LYS A 82 -6.72 13.57 2.85
C LYS A 82 -5.54 14.53 3.02
N LYS A 83 -4.62 14.23 3.93
CA LYS A 83 -3.44 15.10 4.17
C LYS A 83 -2.55 15.11 2.93
N HIS A 84 -2.68 14.13 2.04
CA HIS A 84 -1.85 14.02 0.80
C HIS A 84 -2.71 14.32 -0.41
N GLY A 85 -3.79 15.07 -0.25
CA GLY A 85 -4.50 15.64 -1.39
C GLY A 85 -5.83 14.98 -1.73
N ALA A 86 -6.17 13.80 -1.23
CA ALA A 86 -7.50 13.17 -1.48
C ALA A 86 -8.60 14.02 -0.82
N ASP A 87 -9.75 14.16 -1.47
CA ASP A 87 -10.97 14.69 -0.82
C ASP A 87 -11.59 13.57 0.02
N ASP A 88 -12.60 13.89 0.82
CA ASP A 88 -13.22 12.90 1.74
C ASP A 88 -13.68 11.68 0.92
N ALA A 89 -14.42 11.90 -0.16
CA ALA A 89 -14.97 10.89 -1.09
C ALA A 89 -13.89 9.94 -1.60
N MET A 90 -12.82 10.47 -2.20
CA MET A 90 -11.68 9.67 -2.70
C MET A 90 -11.03 8.92 -1.53
N ALA A 91 -10.79 9.59 -0.40
CA ALA A 91 -10.15 8.94 0.77
C ALA A 91 -10.97 7.72 1.21
N LYS A 92 -12.28 7.88 1.37
CA LYS A 92 -13.24 6.79 1.73
C LYS A 92 -13.20 5.62 0.72
N GLN A 93 -13.23 5.92 -0.57
CA GLN A 93 -13.12 4.93 -1.70
C GLN A 93 -11.82 4.11 -1.54
N LEU A 94 -10.70 4.78 -1.32
CA LEU A 94 -9.40 4.10 -1.15
C LEU A 94 -9.48 3.16 0.07
N VAL A 95 -10.02 3.62 1.19
CA VAL A 95 -10.11 2.80 2.44
C VAL A 95 -11.03 1.60 2.14
N ASP A 96 -12.12 1.83 1.43
CA ASP A 96 -13.09 0.77 1.03
C ASP A 96 -12.38 -0.27 0.16
N LEU A 97 -11.57 0.16 -0.81
CA LEU A 97 -10.82 -0.73 -1.73
C LEU A 97 -9.86 -1.61 -0.93
N ILE A 98 -9.13 -1.03 0.04
CA ILE A 98 -8.18 -1.82 0.88
C ILE A 98 -8.99 -2.83 1.72
N HIS A 99 -10.07 -2.37 2.34
CA HIS A 99 -10.90 -3.17 3.27
C HIS A 99 -11.50 -4.36 2.49
N GLY A 100 -12.19 -4.08 1.37
CA GLY A 100 -12.68 -5.11 0.45
C GLY A 100 -11.60 -6.15 0.19
N CYS A 101 -10.39 -5.69 -0.11
CA CYS A 101 -9.23 -6.52 -0.49
C CYS A 101 -8.82 -7.40 0.70
N ALA A 102 -8.79 -6.84 1.90
CA ALA A 102 -8.50 -7.57 3.16
C ALA A 102 -9.57 -8.65 3.38
N GLN A 103 -10.82 -8.32 3.10
CA GLN A 103 -11.98 -9.21 3.34
C GLN A 103 -11.92 -10.39 2.36
N SER A 104 -11.64 -10.13 1.10
CA SER A 104 -11.57 -11.17 0.05
C SER A 104 -10.20 -11.86 0.07
N THR A 105 -9.35 -11.58 1.06
CA THR A 105 -8.01 -12.24 1.23
C THR A 105 -7.98 -13.03 2.54
N PRO A 106 -8.16 -14.37 2.51
CA PRO A 106 -8.14 -15.16 3.75
C PRO A 106 -6.68 -15.32 4.22
N ASP A 107 -6.37 -15.22 5.53
CA ASP A 107 -5.02 -15.50 6.09
C ASP A 107 -5.04 -16.90 6.75
N VAL A 108 -4.98 -17.91 5.91
CA VAL A 108 -5.01 -19.35 6.32
C VAL A 108 -3.69 -19.75 7.00
N ALA A 109 -2.57 -19.08 6.75
CA ALA A 109 -1.22 -19.54 7.16
C ALA A 109 -0.71 -18.76 8.36
N ASP A 110 -1.55 -17.92 8.96
CA ASP A 110 -1.10 -17.01 10.04
C ASP A 110 0.21 -16.36 9.60
N ASP A 111 0.19 -15.68 8.44
CA ASP A 111 1.38 -15.01 7.85
C ASP A 111 0.99 -13.62 7.41
N PRO A 112 1.04 -12.60 8.29
CA PRO A 112 0.52 -11.28 7.93
C PRO A 112 1.27 -10.68 6.74
N CYS A 113 2.53 -11.06 6.55
CA CYS A 113 3.40 -10.50 5.49
C CYS A 113 2.82 -10.92 4.13
N MET A 114 2.61 -12.22 3.96
CA MET A 114 1.95 -12.79 2.76
C MET A 114 0.55 -12.17 2.59
N LYS A 115 -0.27 -12.16 3.64
CA LYS A 115 -1.65 -11.64 3.54
C LYS A 115 -1.64 -10.18 3.06
N THR A 116 -0.78 -9.35 3.67
CA THR A 116 -0.61 -7.91 3.33
C THR A 116 -0.15 -7.81 1.87
N LEU A 117 0.77 -8.69 1.42
CA LEU A 117 1.24 -8.69 0.02
C LEU A 117 0.05 -9.00 -0.90
N ASN A 118 -0.84 -9.92 -0.53
CA ASN A 118 -2.00 -10.26 -1.38
C ASN A 118 -3.00 -9.11 -1.33
N VAL A 119 -3.15 -8.45 -0.19
CA VAL A 119 -4.06 -7.28 -0.09
C VAL A 119 -3.54 -6.21 -1.05
N ALA A 120 -2.23 -6.00 -1.07
CA ALA A 120 -1.53 -4.98 -1.89
C ALA A 120 -1.74 -5.27 -3.38
N LYS A 121 -1.63 -6.54 -3.78
CA LYS A 121 -1.85 -6.98 -5.18
C LYS A 121 -3.30 -6.67 -5.57
N CYS A 122 -4.27 -7.03 -4.71
CA CYS A 122 -5.72 -6.79 -4.93
C CYS A 122 -5.95 -5.29 -5.09
N PHE A 123 -5.33 -4.48 -4.25
CA PHE A 123 -5.48 -3.00 -4.22
C PHE A 123 -4.87 -2.40 -5.49
N LYS A 124 -3.68 -2.84 -5.85
CA LYS A 124 -2.98 -2.37 -7.06
C LYS A 124 -3.85 -2.64 -8.30
N ALA A 125 -4.44 -3.83 -8.42
CA ALA A 125 -5.35 -4.19 -9.55
C ALA A 125 -6.55 -3.22 -9.56
N LYS A 126 -7.23 -3.01 -8.43
CA LYS A 126 -8.40 -2.09 -8.32
C LYS A 126 -8.04 -0.67 -8.78
N ILE A 127 -6.86 -0.16 -8.40
CA ILE A 127 -6.37 1.18 -8.79
C ILE A 127 -6.13 1.23 -10.31
N HIS A 128 -5.47 0.20 -10.86
CA HIS A 128 -5.25 0.03 -12.31
C HIS A 128 -6.58 0.09 -13.06
N GLU A 129 -7.60 -0.62 -12.56
CA GLU A 129 -8.96 -0.68 -13.16
C GLU A 129 -9.62 0.68 -13.16
N LEU A 130 -9.34 1.51 -12.16
CA LEU A 130 -9.87 2.89 -12.10
C LEU A 130 -8.94 3.86 -12.86
N ASN A 131 -7.87 3.34 -13.49
CA ASN A 131 -6.84 4.19 -14.16
C ASN A 131 -6.24 5.19 -13.17
N TRP A 132 -6.12 4.82 -11.90
CA TRP A 132 -5.58 5.70 -10.83
C TRP A 132 -4.12 5.37 -10.53
N ALA A 133 -3.51 4.46 -11.30
CA ALA A 133 -2.07 4.10 -11.18
C ALA A 133 -1.23 5.19 -11.84
N PRO A 134 -0.28 5.83 -11.11
CA PRO A 134 0.72 6.69 -11.73
C PRO A 134 1.85 5.94 -12.45
N SER A 135 2.58 6.63 -13.33
CA SER A 135 3.74 6.12 -14.12
C SER A 135 5.06 6.60 -13.52
N MET A 136 5.17 6.62 -12.17
CA MET A 136 6.33 7.11 -11.36
C MET A 136 6.63 6.12 -10.21
N GLU A 137 7.92 5.98 -9.84
CA GLU A 137 8.43 4.95 -8.90
C GLU A 137 8.47 5.49 -7.46
N LEU A 138 8.64 4.58 -6.49
CA LEU A 138 8.73 4.85 -5.02
C LEU A 138 10.14 4.50 -4.53
C1 81K B . -6.60 -5.82 7.49
C2 81K B . -5.66 -6.59 6.57
C3 81K B . -4.22 -6.13 6.70
C4 81K B . -3.65 -5.56 5.44
C5 81K B . -4.22 -4.18 5.16
C6 81K B . -3.21 -3.09 5.51
C7 81K B . -1.99 -3.11 4.63
C8 81K B . -1.91 -1.88 3.71
C16 81K B . -0.25 3.74 -1.76
C15 81K B . 0.48 2.50 -1.31
C14 81K B . -0.52 1.44 -0.84
C13 81K B . 0.15 0.08 -0.87
C12 81K B . -0.86 -1.00 -0.46
C11 81K B . -1.26 -0.86 1.00
C10 81K B . -2.39 -1.82 1.23
C9 81K B . -2.67 -2.25 2.45
O1 81K B . -6.87 -4.63 7.30
#